data_1C3V
#
_entry.id   1C3V
#
_cell.length_a   118.831
_cell.length_b   118.257
_cell.length_c   79.377
_cell.angle_alpha   90.00
_cell.angle_beta   90.00
_cell.angle_gamma   90.00
#
_symmetry.space_group_name_H-M   'I 21 21 21'
#
loop_
_entity.id
_entity.type
_entity.pdbx_description
1 polymer 'DIHYDRODIPICOLINATE REDUCTASE'
2 non-polymer 'NADPH DIHYDRO-NICOTINAMIDE-ADENINE-DINUCLEOTIDE PHOSPHATE'
3 non-polymer 'PYRIDINE-2,6-DICARBOXYLIC ACID'
4 non-polymer 'TETRAETHYLENE GLYCOL'
5 water water
#
_entity_poly.entity_id   1
_entity_poly.type   'polypeptide(L)'
_entity_poly.pdbx_seq_one_letter_code
;MRVGVLGAKGKVGTTMVRAVAAADDLTLSAELDAGDPLSLLTDGNTEVVIDFTHPDVVMGNLEFLIDNGIHAVVGTTGFT
AERFQQVESWLVAKPNTSVLIAPNFAIGAVLSMHFAKQAARFFDSAEVIELHHPHKADAPSGTAARTAKLIAEARKGLPP
NPDATSTSLPGARGADVDGIPVHAVRLAGLVAHQEVLFGTEGETLTIRHDSLDRTSFVPGVLLAVRRIAERPGLTVGLEP
LLDLH
;
_entity_poly.pdbx_strand_id   A,B
#
loop_
_chem_comp.id
_chem_comp.type
_chem_comp.name
_chem_comp.formula
NDP non-polymer 'NADPH DIHYDRO-NICOTINAMIDE-ADENINE-DINUCLEOTIDE PHOSPHATE' 'C21 H30 N7 O17 P3'
PDC non-polymer 'PYRIDINE-2,6-DICARBOXYLIC ACID' 'C7 H5 N O4'
PG4 non-polymer 'TETRAETHYLENE GLYCOL' 'C8 H18 O5'
#
# COMPACT_ATOMS: atom_id res chain seq x y z
N MET A 1 -16.09 -29.51 -13.92
CA MET A 1 -16.70 -28.23 -14.41
C MET A 1 -16.26 -27.96 -15.85
N ARG A 2 -17.23 -27.82 -16.75
CA ARG A 2 -16.94 -27.55 -18.15
C ARG A 2 -16.70 -26.06 -18.33
N VAL A 3 -15.52 -25.71 -18.82
CA VAL A 3 -15.16 -24.30 -19.01
C VAL A 3 -14.70 -23.99 -20.44
N GLY A 4 -15.28 -22.93 -21.00
CA GLY A 4 -14.93 -22.50 -22.35
C GLY A 4 -14.25 -21.14 -22.31
N VAL A 5 -13.35 -20.89 -23.25
CA VAL A 5 -12.61 -19.64 -23.32
C VAL A 5 -12.97 -18.80 -24.55
N LEU A 6 -13.45 -17.59 -24.32
CA LEU A 6 -13.79 -16.66 -25.41
C LEU A 6 -12.59 -15.79 -25.75
N GLY A 7 -12.02 -16.02 -26.93
CA GLY A 7 -10.86 -15.28 -27.37
C GLY A 7 -9.60 -16.07 -27.10
N ALA A 8 -9.72 -17.40 -27.21
CA ALA A 8 -8.64 -18.35 -26.96
C ALA A 8 -7.35 -18.11 -27.75
N LYS A 9 -7.40 -17.21 -28.73
CA LYS A 9 -6.23 -16.89 -29.53
C LYS A 9 -5.49 -15.63 -29.08
N GLY A 10 -6.13 -14.85 -28.21
CA GLY A 10 -5.51 -13.63 -27.71
C GLY A 10 -4.32 -13.84 -26.80
N LYS A 11 -3.59 -12.75 -26.53
CA LYS A 11 -2.42 -12.79 -25.67
C LYS A 11 -2.78 -13.41 -24.32
N VAL A 12 -3.88 -12.93 -23.74
CA VAL A 12 -4.36 -13.41 -22.45
C VAL A 12 -5.15 -14.71 -22.58
N GLY A 13 -5.98 -14.78 -23.63
CA GLY A 13 -6.80 -15.95 -23.89
C GLY A 13 -6.03 -17.26 -23.96
N THR A 14 -4.95 -17.27 -24.73
CA THR A 14 -4.12 -18.46 -24.90
C THR A 14 -3.57 -18.94 -23.56
N THR A 15 -3.35 -18.00 -22.65
CA THR A 15 -2.84 -18.31 -21.32
C THR A 15 -3.92 -19.00 -20.50
N MET A 16 -5.15 -18.45 -20.55
CA MET A 16 -6.28 -19.01 -19.81
C MET A 16 -6.59 -20.42 -20.28
N VAL A 17 -6.50 -20.64 -21.60
CA VAL A 17 -6.75 -21.95 -22.20
C VAL A 17 -5.76 -22.95 -21.62
N ARG A 18 -4.47 -22.57 -21.60
CA ARG A 18 -3.42 -23.40 -21.06
C ARG A 18 -3.66 -23.70 -19.58
N ALA A 19 -4.12 -22.69 -18.85
CA ALA A 19 -4.40 -22.81 -17.42
C ALA A 19 -5.54 -23.77 -17.14
N VAL A 20 -6.65 -23.62 -17.86
CA VAL A 20 -7.83 -24.48 -17.70
C VAL A 20 -7.51 -25.92 -18.08
N ALA A 21 -6.68 -26.07 -19.12
CA ALA A 21 -6.27 -27.40 -19.59
C ALA A 21 -5.42 -28.11 -18.53
N ALA A 22 -4.72 -27.33 -17.71
CA ALA A 22 -3.87 -27.87 -16.65
C ALA A 22 -4.66 -28.13 -15.36
N ALA A 23 -5.77 -27.42 -15.18
CA ALA A 23 -6.62 -27.58 -14.00
C ALA A 23 -7.28 -28.97 -14.00
N ASP A 24 -6.86 -29.79 -13.04
CA ASP A 24 -7.37 -31.15 -12.89
C ASP A 24 -8.86 -31.23 -12.55
N ASP A 25 -9.39 -30.14 -12.00
CA ASP A 25 -10.79 -30.06 -11.61
C ASP A 25 -11.65 -29.31 -12.65
N LEU A 26 -11.02 -28.92 -13.75
CA LEU A 26 -11.70 -28.19 -14.82
C LEU A 26 -11.54 -28.87 -16.18
N THR A 27 -12.57 -28.77 -16.99
CA THR A 27 -12.58 -29.37 -18.32
C THR A 27 -12.75 -28.30 -19.38
N LEU A 28 -11.79 -28.19 -20.29
CA LEU A 28 -11.87 -27.21 -21.36
C LEU A 28 -12.90 -27.71 -22.36
N SER A 29 -14.11 -27.16 -22.29
CA SER A 29 -15.19 -27.58 -23.18
C SER A 29 -15.25 -26.80 -24.49
N ALA A 30 -14.73 -25.57 -24.49
CA ALA A 30 -14.75 -24.73 -25.69
C ALA A 30 -13.55 -23.81 -25.84
N GLU A 31 -13.17 -23.56 -27.08
CA GLU A 31 -12.04 -22.69 -27.43
C GLU A 31 -12.42 -21.73 -28.54
N LEU A 32 -13.44 -20.90 -28.31
CA LEU A 32 -13.88 -19.94 -29.30
C LEU A 32 -12.85 -18.86 -29.63
N ASP A 33 -12.93 -18.38 -30.85
CA ASP A 33 -12.06 -17.33 -31.33
C ASP A 33 -12.92 -16.41 -32.20
N ALA A 34 -12.29 -15.41 -32.82
CA ALA A 34 -12.99 -14.48 -33.68
C ALA A 34 -13.63 -15.21 -34.85
N GLY A 35 -14.94 -15.04 -35.00
CA GLY A 35 -15.67 -15.69 -36.07
C GLY A 35 -16.41 -16.95 -35.67
N ASP A 36 -15.75 -17.80 -34.89
CA ASP A 36 -16.32 -19.07 -34.42
C ASP A 36 -17.70 -18.87 -33.79
N PRO A 37 -18.67 -19.71 -34.16
CA PRO A 37 -20.04 -19.62 -33.64
C PRO A 37 -20.19 -19.79 -32.12
N LEU A 38 -20.95 -18.89 -31.50
CA LEU A 38 -21.20 -18.94 -30.06
C LEU A 38 -21.92 -20.22 -29.70
N SER A 39 -22.41 -20.93 -30.72
CA SER A 39 -23.10 -22.20 -30.53
C SER A 39 -22.14 -23.31 -30.14
N LEU A 40 -20.85 -23.13 -30.42
CA LEU A 40 -19.84 -24.12 -30.03
C LEU A 40 -19.86 -24.31 -28.51
N LEU A 41 -20.22 -23.24 -27.79
CA LEU A 41 -20.31 -23.25 -26.33
C LEU A 41 -21.42 -24.19 -25.88
N THR A 42 -22.62 -23.98 -26.43
CA THR A 42 -23.78 -24.82 -26.12
C THR A 42 -23.56 -26.26 -26.57
N ASP A 43 -22.60 -26.44 -27.47
CA ASP A 43 -22.25 -27.75 -28.01
C ASP A 43 -21.50 -28.58 -26.96
N GLY A 44 -20.50 -27.97 -26.33
CA GLY A 44 -19.72 -28.63 -25.31
C GLY A 44 -20.35 -28.59 -23.92
N ASN A 45 -21.58 -28.07 -23.85
CA ASN A 45 -22.35 -27.96 -22.61
C ASN A 45 -21.58 -27.18 -21.54
N THR A 46 -21.00 -26.06 -21.97
CA THR A 46 -20.21 -25.19 -21.11
C THR A 46 -21.10 -24.60 -20.03
N GLU A 47 -20.56 -24.47 -18.83
CA GLU A 47 -21.30 -23.90 -17.70
C GLU A 47 -20.70 -22.57 -17.29
N VAL A 48 -19.41 -22.37 -17.57
CA VAL A 48 -18.71 -21.14 -17.24
C VAL A 48 -17.75 -20.81 -18.39
N VAL A 49 -17.67 -19.52 -18.73
CA VAL A 49 -16.79 -19.07 -19.80
C VAL A 49 -15.94 -17.88 -19.35
N ILE A 50 -14.67 -17.90 -19.78
CA ILE A 50 -13.73 -16.84 -19.48
C ILE A 50 -13.66 -15.93 -20.71
N ASP A 51 -14.04 -14.67 -20.53
CA ASP A 51 -14.02 -13.72 -21.63
C ASP A 51 -12.87 -12.71 -21.59
N PHE A 52 -12.00 -12.81 -22.59
CA PHE A 52 -10.86 -11.92 -22.76
C PHE A 52 -10.79 -11.57 -24.24
N THR A 53 -11.86 -10.92 -24.71
CA THR A 53 -11.98 -10.53 -26.11
C THR A 53 -11.70 -9.04 -26.38
N HIS A 54 -12.75 -8.32 -26.80
CA HIS A 54 -12.65 -6.91 -27.14
C HIS A 54 -13.94 -6.20 -26.72
N PRO A 55 -13.85 -4.96 -26.19
CA PRO A 55 -15.03 -4.19 -25.77
C PRO A 55 -16.12 -4.03 -26.83
N ASP A 56 -15.78 -4.18 -28.11
CA ASP A 56 -16.76 -4.04 -29.18
C ASP A 56 -17.63 -5.28 -29.32
N VAL A 57 -17.27 -6.37 -28.65
CA VAL A 57 -18.03 -7.62 -28.76
C VAL A 57 -18.56 -8.17 -27.44
N VAL A 58 -17.98 -7.73 -26.32
CA VAL A 58 -18.38 -8.20 -24.99
C VAL A 58 -19.88 -8.21 -24.81
N MET A 59 -20.49 -7.03 -24.98
CA MET A 59 -21.93 -6.88 -24.85
C MET A 59 -22.68 -7.92 -25.67
N GLY A 60 -22.15 -8.20 -26.86
CA GLY A 60 -22.76 -9.19 -27.73
C GLY A 60 -22.77 -10.56 -27.10
N ASN A 61 -21.59 -11.07 -26.74
CA ASN A 61 -21.44 -12.39 -26.14
C ASN A 61 -22.18 -12.49 -24.80
N LEU A 62 -22.08 -11.44 -23.99
CA LEU A 62 -22.74 -11.40 -22.70
C LEU A 62 -24.23 -11.68 -22.78
N GLU A 63 -24.87 -11.27 -23.87
CA GLU A 63 -26.30 -11.49 -24.08
C GLU A 63 -26.55 -12.98 -24.27
N PHE A 64 -25.78 -13.59 -25.19
CA PHE A 64 -25.87 -15.00 -25.50
C PHE A 64 -25.67 -15.85 -24.25
N LEU A 65 -24.56 -15.63 -23.55
CA LEU A 65 -24.24 -16.37 -22.33
C LEU A 65 -25.35 -16.30 -21.30
N ILE A 66 -25.77 -15.09 -20.96
CA ILE A 66 -26.83 -14.86 -19.97
C ILE A 66 -28.15 -15.53 -20.38
N ASP A 67 -28.33 -15.75 -21.68
CA ASP A 67 -29.54 -16.39 -22.19
C ASP A 67 -29.55 -17.89 -21.93
N ASN A 68 -28.49 -18.56 -22.35
CA ASN A 68 -28.35 -20.00 -22.19
C ASN A 68 -27.98 -20.40 -20.75
N GLY A 69 -28.06 -19.44 -19.84
CA GLY A 69 -27.75 -19.69 -18.44
C GLY A 69 -26.30 -20.01 -18.13
N ILE A 70 -25.40 -19.67 -19.05
CA ILE A 70 -23.96 -19.92 -18.88
C ILE A 70 -23.34 -18.81 -18.03
N HIS A 71 -22.56 -19.20 -17.03
CA HIS A 71 -21.89 -18.25 -16.16
C HIS A 71 -20.73 -17.58 -16.90
N ALA A 72 -20.40 -16.36 -16.51
CA ALA A 72 -19.33 -15.63 -17.18
C ALA A 72 -18.36 -14.87 -16.28
N VAL A 73 -17.08 -15.07 -16.54
CA VAL A 73 -15.99 -14.39 -15.83
C VAL A 73 -15.36 -13.55 -16.93
N VAL A 74 -15.67 -12.26 -16.95
CA VAL A 74 -15.17 -11.34 -17.96
C VAL A 74 -14.00 -10.46 -17.53
N GLY A 75 -12.96 -10.46 -18.36
CA GLY A 75 -11.78 -9.66 -18.10
C GLY A 75 -11.67 -8.51 -19.08
N THR A 76 -12.43 -8.61 -20.17
CA THR A 76 -12.44 -7.59 -21.22
C THR A 76 -12.81 -6.23 -20.62
N THR A 77 -11.92 -5.27 -20.81
CA THR A 77 -12.13 -3.91 -20.29
C THR A 77 -13.11 -3.08 -21.11
N GLY A 78 -13.25 -1.81 -20.73
CA GLY A 78 -14.15 -0.92 -21.44
C GLY A 78 -15.59 -1.05 -20.98
N PHE A 79 -15.77 -1.34 -19.71
CA PHE A 79 -17.11 -1.50 -19.14
C PHE A 79 -17.62 -0.20 -18.52
N THR A 80 -18.59 0.40 -19.18
CA THR A 80 -19.20 1.65 -18.73
C THR A 80 -20.48 1.40 -17.93
N ALA A 81 -20.90 2.43 -17.19
CA ALA A 81 -22.12 2.37 -16.36
C ALA A 81 -23.31 1.82 -17.14
N GLU A 82 -23.56 2.41 -18.32
CA GLU A 82 -24.65 1.98 -19.20
C GLU A 82 -24.54 0.49 -19.50
N ARG A 83 -23.33 0.06 -19.87
CA ARG A 83 -23.05 -1.34 -20.17
C ARG A 83 -23.35 -2.21 -18.95
N PHE A 84 -22.85 -1.81 -17.79
CA PHE A 84 -23.08 -2.53 -16.55
C PHE A 84 -24.59 -2.61 -16.33
N GLN A 85 -25.25 -1.48 -16.54
CA GLN A 85 -26.70 -1.34 -16.43
C GLN A 85 -27.37 -2.29 -17.42
N GLN A 86 -26.77 -2.42 -18.60
CA GLN A 86 -27.27 -3.30 -19.65
C GLN A 86 -27.23 -4.72 -19.09
N VAL A 87 -26.04 -5.13 -18.65
CA VAL A 87 -25.82 -6.45 -18.06
C VAL A 87 -26.76 -6.65 -16.87
N GLU A 88 -27.05 -5.55 -16.18
CA GLU A 88 -27.95 -5.54 -15.03
C GLU A 88 -29.37 -5.90 -15.46
N SER A 89 -29.92 -5.12 -16.38
CA SER A 89 -31.28 -5.29 -16.92
C SER A 89 -31.48 -6.61 -17.68
N TRP A 90 -30.49 -7.50 -17.61
CA TRP A 90 -30.56 -8.79 -18.28
C TRP A 90 -30.63 -9.95 -17.30
N LEU A 91 -29.66 -10.02 -16.38
CA LEU A 91 -29.60 -11.07 -15.36
C LEU A 91 -30.92 -11.21 -14.63
N VAL A 92 -31.63 -10.10 -14.45
CA VAL A 92 -32.93 -10.08 -13.79
C VAL A 92 -33.90 -11.02 -14.48
N ALA A 93 -34.01 -10.90 -15.80
CA ALA A 93 -34.89 -11.73 -16.62
C ALA A 93 -34.36 -13.15 -16.84
N LYS A 94 -33.41 -13.56 -16.00
CA LYS A 94 -32.79 -14.89 -16.08
C LYS A 94 -31.81 -15.12 -14.93
N PRO A 95 -32.30 -15.07 -13.67
CA PRO A 95 -31.47 -15.26 -12.48
C PRO A 95 -30.91 -16.69 -12.45
N ASN A 96 -30.30 -17.08 -11.32
CA ASN A 96 -29.71 -18.41 -11.19
C ASN A 96 -28.40 -18.48 -12.01
N THR A 97 -28.16 -17.44 -12.80
CA THR A 97 -26.97 -17.31 -13.63
C THR A 97 -26.08 -16.23 -13.00
N SER A 98 -24.78 -16.50 -12.94
CA SER A 98 -23.82 -15.58 -12.36
C SER A 98 -22.85 -15.02 -13.39
N VAL A 99 -22.49 -13.75 -13.21
CA VAL A 99 -21.57 -13.04 -14.09
C VAL A 99 -20.63 -12.15 -13.28
N LEU A 100 -19.34 -12.36 -13.45
CA LEU A 100 -18.34 -11.56 -12.74
C LEU A 100 -17.47 -10.79 -13.72
N ILE A 101 -17.37 -9.48 -13.48
CA ILE A 101 -16.56 -8.58 -14.30
C ILE A 101 -15.53 -7.91 -13.41
N ALA A 102 -14.26 -7.93 -13.83
CA ALA A 102 -13.19 -7.32 -13.06
C ALA A 102 -12.18 -6.60 -13.95
N PRO A 103 -11.83 -5.36 -13.59
CA PRO A 103 -10.87 -4.57 -14.37
C PRO A 103 -9.45 -5.14 -14.29
N ASN A 104 -9.19 -5.96 -13.28
CA ASN A 104 -7.87 -6.58 -13.11
C ASN A 104 -7.97 -7.81 -12.21
N PHE A 105 -7.42 -8.93 -12.67
CA PHE A 105 -7.43 -10.18 -11.93
C PHE A 105 -6.15 -10.45 -11.16
N ALA A 106 -5.18 -9.55 -11.29
CA ALA A 106 -3.93 -9.67 -10.57
C ALA A 106 -4.26 -9.25 -9.13
N ILE A 107 -3.86 -10.09 -8.17
CA ILE A 107 -4.13 -9.82 -6.76
C ILE A 107 -3.46 -8.52 -6.30
N GLY A 108 -2.22 -8.31 -6.74
CA GLY A 108 -1.48 -7.12 -6.38
C GLY A 108 -2.20 -5.86 -6.82
N ALA A 109 -2.84 -5.93 -7.98
CA ALA A 109 -3.59 -4.79 -8.51
C ALA A 109 -4.80 -4.52 -7.63
N VAL A 110 -5.54 -5.57 -7.28
CA VAL A 110 -6.72 -5.44 -6.43
C VAL A 110 -6.31 -4.83 -5.08
N LEU A 111 -5.18 -5.29 -4.55
CA LEU A 111 -4.66 -4.79 -3.29
C LEU A 111 -4.26 -3.32 -3.43
N SER A 112 -3.71 -2.95 -4.59
CA SER A 112 -3.32 -1.57 -4.86
C SER A 112 -4.50 -0.63 -4.73
N MET A 113 -5.63 -1.03 -5.32
CA MET A 113 -6.85 -0.23 -5.29
C MET A 113 -7.35 -0.15 -3.85
N HIS A 114 -7.14 -1.23 -3.11
CA HIS A 114 -7.55 -1.31 -1.71
C HIS A 114 -6.77 -0.30 -0.86
N PHE A 115 -5.45 -0.30 -1.02
CA PHE A 115 -4.58 0.61 -0.27
C PHE A 115 -4.76 2.07 -0.69
N ALA A 116 -4.93 2.30 -1.99
CA ALA A 116 -5.12 3.64 -2.54
C ALA A 116 -6.31 4.31 -1.85
N LYS A 117 -7.41 3.57 -1.70
CA LYS A 117 -8.62 4.04 -1.06
C LYS A 117 -8.34 4.50 0.38
N GLN A 118 -7.56 3.71 1.10
CA GLN A 118 -7.22 3.99 2.50
C GLN A 118 -6.26 5.15 2.73
N ALA A 119 -5.33 5.37 1.81
CA ALA A 119 -4.33 6.43 1.93
C ALA A 119 -4.72 7.80 1.39
N ALA A 120 -5.68 7.84 0.48
CA ALA A 120 -6.12 9.08 -0.16
C ALA A 120 -6.33 10.28 0.77
N ARG A 121 -7.09 10.08 1.85
CA ARG A 121 -7.38 11.17 2.79
C ARG A 121 -6.18 11.79 3.50
N PHE A 122 -5.10 11.02 3.66
CA PHE A 122 -3.90 11.50 4.34
C PHE A 122 -2.94 12.35 3.53
N PHE A 123 -3.25 12.58 2.26
CA PHE A 123 -2.35 13.36 1.41
C PHE A 123 -2.99 14.52 0.64
N ASP A 124 -2.15 15.49 0.28
CA ASP A 124 -2.58 16.68 -0.45
C ASP A 124 -2.71 16.38 -1.93
N SER A 125 -1.71 15.70 -2.48
CA SER A 125 -1.66 15.36 -3.89
C SER A 125 -1.77 13.87 -4.15
N ALA A 126 -2.36 13.54 -5.30
CA ALA A 126 -2.53 12.16 -5.74
C ALA A 126 -2.55 12.13 -7.27
N GLU A 127 -1.73 11.27 -7.84
CA GLU A 127 -1.66 11.10 -9.29
C GLU A 127 -1.43 9.63 -9.61
N VAL A 128 -1.85 9.23 -10.80
CA VAL A 128 -1.70 7.85 -11.23
C VAL A 128 -0.90 7.74 -12.51
N ILE A 129 0.11 6.88 -12.51
CA ILE A 129 0.92 6.62 -13.68
C ILE A 129 0.70 5.16 -14.04
N GLU A 130 0.28 4.94 -15.28
CA GLU A 130 0.01 3.61 -15.77
C GLU A 130 0.93 3.33 -16.98
N LEU A 131 1.51 2.14 -17.03
CA LEU A 131 2.41 1.76 -18.11
C LEU A 131 2.06 0.39 -18.68
N HIS A 132 1.87 0.32 -20.00
CA HIS A 132 1.52 -0.94 -20.67
C HIS A 132 2.25 -1.16 -22.00
N HIS A 133 2.12 -2.39 -22.52
CA HIS A 133 2.71 -2.78 -23.80
C HIS A 133 2.13 -1.88 -24.89
N PRO A 134 2.87 -1.70 -26.00
CA PRO A 134 2.38 -0.84 -27.08
C PRO A 134 1.26 -1.42 -27.97
N HIS A 135 0.60 -2.47 -27.48
CA HIS A 135 -0.52 -3.09 -28.21
C HIS A 135 -1.87 -2.78 -27.58
N LYS A 136 -1.86 -2.03 -26.46
CA LYS A 136 -3.10 -1.68 -25.77
C LYS A 136 -3.86 -0.63 -26.58
N ALA A 137 -5.15 -0.87 -26.79
CA ALA A 137 -6.00 0.03 -27.58
C ALA A 137 -6.56 1.21 -26.80
N ASP A 138 -6.79 1.03 -25.51
CA ASP A 138 -7.35 2.05 -24.65
C ASP A 138 -6.35 2.73 -23.70
N ALA A 139 -6.50 4.04 -23.53
CA ALA A 139 -5.64 4.83 -22.66
C ALA A 139 -6.51 5.88 -22.00
N PRO A 140 -6.50 5.94 -20.65
CA PRO A 140 -5.72 5.07 -19.78
C PRO A 140 -6.35 3.69 -19.56
N SER A 141 -5.62 2.81 -18.86
CA SER A 141 -6.09 1.46 -18.58
C SER A 141 -7.37 1.51 -17.75
N GLY A 142 -8.14 0.43 -17.79
CA GLY A 142 -9.38 0.36 -17.03
C GLY A 142 -9.10 0.45 -15.54
N THR A 143 -8.04 -0.22 -15.11
CA THR A 143 -7.62 -0.22 -13.71
C THR A 143 -7.23 1.18 -13.24
N ALA A 144 -6.48 1.90 -14.07
CA ALA A 144 -6.03 3.25 -13.75
C ALA A 144 -7.24 4.16 -13.54
N ALA A 145 -8.19 4.09 -14.46
CA ALA A 145 -9.41 4.90 -14.40
C ALA A 145 -10.19 4.56 -13.14
N ARG A 146 -10.23 3.27 -12.80
CA ARG A 146 -10.96 2.82 -11.62
C ARG A 146 -10.25 3.27 -10.34
N THR A 147 -8.93 3.20 -10.33
CA THR A 147 -8.13 3.62 -9.18
C THR A 147 -8.29 5.12 -8.95
N ALA A 148 -8.26 5.89 -10.03
CA ALA A 148 -8.42 7.34 -9.95
C ALA A 148 -9.80 7.68 -9.37
N LYS A 149 -10.82 6.96 -9.82
CA LYS A 149 -12.19 7.14 -9.34
C LYS A 149 -12.31 6.85 -7.85
N LEU A 150 -11.66 5.78 -7.40
CA LEU A 150 -11.67 5.39 -5.99
C LEU A 150 -11.02 6.48 -5.15
N ILE A 151 -9.87 6.98 -5.60
CA ILE A 151 -9.15 8.02 -4.88
C ILE A 151 -10.00 9.29 -4.76
N ALA A 152 -10.55 9.73 -5.88
CA ALA A 152 -11.37 10.93 -5.92
C ALA A 152 -12.61 10.82 -5.04
N GLU A 153 -13.11 9.60 -4.88
CA GLU A 153 -14.28 9.34 -4.06
C GLU A 153 -13.95 9.33 -2.56
N ALA A 154 -12.71 8.99 -2.23
CA ALA A 154 -12.27 8.97 -0.83
C ALA A 154 -11.92 10.36 -0.30
N ARG A 155 -11.61 11.28 -1.20
CA ARG A 155 -11.25 12.65 -0.83
C ARG A 155 -12.40 13.64 -1.03
N LYS A 156 -13.62 13.11 -0.93
CA LYS A 156 -14.86 13.89 -1.12
C LYS A 156 -14.85 15.31 -0.55
N GLY A 157 -14.66 15.40 0.77
CA GLY A 157 -14.65 16.70 1.42
C GLY A 157 -13.42 17.57 1.26
N LEU A 158 -12.28 16.95 0.97
CA LEU A 158 -11.01 17.65 0.84
C LEU A 158 -10.89 18.48 -0.45
N PRO A 159 -10.04 19.52 -0.44
CA PRO A 159 -9.84 20.37 -1.61
C PRO A 159 -9.05 19.61 -2.70
N PRO A 160 -9.01 20.13 -3.93
CA PRO A 160 -8.30 19.46 -5.02
C PRO A 160 -6.76 19.56 -4.90
N ASN A 161 -6.07 18.75 -5.71
CA ASN A 161 -4.61 18.75 -5.73
C ASN A 161 -4.07 20.13 -6.03
N PRO A 162 -3.03 20.56 -5.31
CA PRO A 162 -2.44 21.87 -5.56
C PRO A 162 -1.61 21.83 -6.84
N ASP A 163 -1.81 22.82 -7.71
CA ASP A 163 -1.10 22.91 -8.99
C ASP A 163 -1.01 24.35 -9.48
N ALA A 164 0.21 24.86 -9.53
CA ALA A 164 0.49 26.23 -9.98
C ALA A 164 0.81 26.33 -11.47
N THR A 165 0.48 25.28 -12.22
CA THR A 165 0.73 25.24 -13.67
C THR A 165 0.07 26.41 -14.39
N SER A 166 0.89 27.32 -14.92
CA SER A 166 0.39 28.49 -15.64
C SER A 166 0.47 28.26 -17.14
N THR A 167 1.66 27.92 -17.63
CA THR A 167 1.89 27.64 -19.04
C THR A 167 2.19 26.15 -19.17
N SER A 168 1.70 25.54 -20.24
CA SER A 168 1.90 24.11 -20.44
C SER A 168 1.62 23.63 -21.85
N LEU A 169 2.33 22.58 -22.27
CA LEU A 169 2.14 21.96 -23.57
C LEU A 169 0.91 21.08 -23.42
N PRO A 170 0.06 21.03 -24.46
CA PRO A 170 -1.16 20.24 -24.48
C PRO A 170 -0.96 18.78 -24.10
N GLY A 171 -1.65 18.32 -23.06
CA GLY A 171 -1.54 16.94 -22.63
C GLY A 171 -0.42 16.58 -21.66
N ALA A 172 0.43 17.56 -21.32
CA ALA A 172 1.54 17.31 -20.41
C ALA A 172 1.10 16.85 -19.02
N ARG A 173 -0.05 17.34 -18.57
CA ARG A 173 -0.56 16.99 -17.25
C ARG A 173 -1.50 15.77 -17.23
N GLY A 174 -1.42 14.95 -18.27
CA GLY A 174 -2.24 13.75 -18.36
C GLY A 174 -3.74 13.97 -18.43
N ALA A 175 -4.49 12.87 -18.40
CA ALA A 175 -5.95 12.92 -18.46
C ALA A 175 -6.55 13.19 -17.07
N ASP A 176 -7.69 13.86 -17.04
CA ASP A 176 -8.37 14.16 -15.79
C ASP A 176 -9.47 13.15 -15.51
N VAL A 177 -9.29 12.36 -14.46
CA VAL A 177 -10.30 11.38 -14.08
C VAL A 177 -10.82 11.78 -12.71
N ASP A 178 -11.90 12.56 -12.70
CA ASP A 178 -12.53 13.05 -11.48
C ASP A 178 -11.57 13.89 -10.63
N GLY A 179 -10.80 14.73 -11.31
CA GLY A 179 -9.85 15.58 -10.63
C GLY A 179 -8.50 14.95 -10.33
N ILE A 180 -8.34 13.67 -10.67
CA ILE A 180 -7.07 12.98 -10.44
C ILE A 180 -6.37 12.77 -11.79
N PRO A 181 -5.17 13.36 -11.97
CA PRO A 181 -4.42 13.24 -13.22
C PRO A 181 -3.97 11.80 -13.41
N VAL A 182 -4.12 11.29 -14.64
CA VAL A 182 -3.71 9.92 -14.97
C VAL A 182 -2.82 9.97 -16.21
N HIS A 183 -1.63 9.37 -16.10
CA HIS A 183 -0.67 9.34 -17.20
C HIS A 183 -0.52 7.93 -17.76
N ALA A 184 -0.61 7.80 -19.07
CA ALA A 184 -0.53 6.51 -19.74
C ALA A 184 0.73 6.35 -20.60
N VAL A 185 1.58 5.40 -20.22
CA VAL A 185 2.82 5.13 -20.93
C VAL A 185 2.68 3.85 -21.75
N ARG A 186 3.02 3.93 -23.04
CA ARG A 186 2.96 2.77 -23.93
C ARG A 186 4.39 2.48 -24.37
N LEU A 187 5.00 1.48 -23.75
CA LEU A 187 6.38 1.14 -24.05
C LEU A 187 6.59 -0.32 -24.40
N ALA A 188 7.51 -0.58 -25.33
CA ALA A 188 7.82 -1.94 -25.75
C ALA A 188 8.59 -2.60 -24.61
N GLY A 189 8.31 -3.87 -24.37
CA GLY A 189 8.97 -4.59 -23.30
C GLY A 189 8.17 -4.65 -22.02
N LEU A 190 7.08 -3.86 -21.96
CA LEU A 190 6.22 -3.83 -20.78
C LEU A 190 5.02 -4.73 -20.97
N VAL A 191 4.31 -4.97 -19.87
CA VAL A 191 3.09 -5.79 -19.89
C VAL A 191 1.95 -4.98 -19.28
N ALA A 192 1.85 -4.98 -17.95
CA ALA A 192 0.81 -4.26 -17.24
C ALA A 192 1.40 -3.75 -15.93
N HIS A 193 1.49 -2.44 -15.80
CA HIS A 193 2.08 -1.84 -14.62
C HIS A 193 1.33 -0.59 -14.20
N GLN A 194 1.29 -0.32 -12.90
CA GLN A 194 0.63 0.86 -12.38
C GLN A 194 1.33 1.39 -11.15
N GLU A 195 1.30 2.72 -11.01
CA GLU A 195 1.94 3.41 -9.92
C GLU A 195 0.99 4.48 -9.38
N VAL A 196 0.71 4.42 -8.08
CA VAL A 196 -0.14 5.40 -7.45
C VAL A 196 0.77 6.26 -6.56
N LEU A 197 0.76 7.57 -6.81
CA LEU A 197 1.59 8.50 -6.05
C LEU A 197 0.81 9.46 -5.18
N PHE A 198 1.16 9.50 -3.91
CA PHE A 198 0.54 10.38 -2.94
C PHE A 198 1.63 11.28 -2.40
N GLY A 199 1.36 12.58 -2.32
CA GLY A 199 2.36 13.50 -1.84
C GLY A 199 1.87 14.49 -0.82
N THR A 200 2.79 14.88 0.07
CA THR A 200 2.51 15.83 1.13
C THR A 200 3.82 16.49 1.56
N GLU A 201 3.77 17.31 2.61
CA GLU A 201 4.95 18.02 3.11
C GLU A 201 6.18 17.16 3.37
N GLY A 202 7.15 17.25 2.46
CA GLY A 202 8.40 16.51 2.59
C GLY A 202 8.37 15.00 2.45
N GLU A 203 7.26 14.43 1.95
CA GLU A 203 7.18 12.99 1.78
C GLU A 203 6.16 12.55 0.74
N THR A 204 6.41 11.38 0.16
CA THR A 204 5.53 10.80 -0.84
C THR A 204 5.37 9.31 -0.51
N LEU A 205 4.28 8.74 -1.02
CA LEU A 205 3.99 7.33 -0.84
C LEU A 205 3.68 6.75 -2.21
N THR A 206 4.38 5.69 -2.59
CA THR A 206 4.18 5.04 -3.88
C THR A 206 3.73 3.60 -3.73
N ILE A 207 2.61 3.26 -4.34
CA ILE A 207 2.08 1.91 -4.32
C ILE A 207 2.16 1.44 -5.76
N ARG A 208 3.10 0.54 -6.03
CA ARG A 208 3.30 0.05 -7.38
C ARG A 208 3.03 -1.43 -7.59
N HIS A 209 2.30 -1.72 -8.66
CA HIS A 209 1.99 -3.09 -9.03
C HIS A 209 2.62 -3.39 -10.39
N ASP A 210 3.24 -4.56 -10.48
CA ASP A 210 3.89 -4.97 -11.72
C ASP A 210 3.46 -6.35 -12.18
N SER A 211 2.85 -6.41 -13.35
CA SER A 211 2.45 -7.66 -13.96
C SER A 211 3.53 -7.95 -15.01
N LEU A 212 4.56 -8.68 -14.59
CA LEU A 212 5.66 -9.02 -15.47
C LEU A 212 5.26 -10.13 -16.45
N ASP A 213 4.28 -10.93 -16.08
CA ASP A 213 3.83 -12.03 -16.93
C ASP A 213 2.31 -12.11 -16.92
N ARG A 214 1.73 -12.48 -18.05
CA ARG A 214 0.29 -12.61 -18.17
C ARG A 214 -0.29 -13.75 -17.34
N THR A 215 0.58 -14.63 -16.85
CA THR A 215 0.15 -15.74 -16.01
C THR A 215 -0.32 -15.20 -14.67
N SER A 216 0.03 -13.95 -14.37
CA SER A 216 -0.35 -13.30 -13.12
C SER A 216 -1.86 -13.12 -12.97
N PHE A 217 -2.58 -13.22 -14.09
CA PHE A 217 -4.04 -13.07 -14.08
C PHE A 217 -4.78 -14.38 -13.86
N VAL A 218 -4.07 -15.49 -14.07
CA VAL A 218 -4.63 -16.85 -13.92
C VAL A 218 -5.27 -17.14 -12.56
N PRO A 219 -4.52 -16.99 -11.44
CA PRO A 219 -5.03 -17.25 -10.10
C PRO A 219 -6.38 -16.57 -9.83
N GLY A 220 -6.46 -15.29 -10.14
CA GLY A 220 -7.69 -14.55 -9.94
C GLY A 220 -8.84 -15.07 -10.80
N VAL A 221 -8.55 -15.38 -12.06
CA VAL A 221 -9.54 -15.90 -12.99
C VAL A 221 -10.10 -17.23 -12.51
N LEU A 222 -9.22 -18.21 -12.28
CA LEU A 222 -9.63 -19.54 -11.83
C LEU A 222 -10.39 -19.49 -10.51
N LEU A 223 -9.99 -18.57 -9.62
CA LEU A 223 -10.65 -18.40 -8.32
C LEU A 223 -12.11 -17.98 -8.56
N ALA A 224 -12.31 -17.04 -9.47
CA ALA A 224 -13.64 -16.55 -9.82
C ALA A 224 -14.44 -17.63 -10.55
N VAL A 225 -13.75 -18.42 -11.38
CA VAL A 225 -14.37 -19.51 -12.14
C VAL A 225 -14.96 -20.59 -11.21
N ARG A 226 -14.17 -21.04 -10.23
CA ARG A 226 -14.60 -22.06 -9.30
C ARG A 226 -15.72 -21.63 -8.36
N ARG A 227 -15.61 -20.42 -7.81
CA ARG A 227 -16.61 -19.90 -6.89
C ARG A 227 -17.63 -19.00 -7.58
N ILE A 228 -17.75 -19.12 -8.90
CA ILE A 228 -18.67 -18.29 -9.67
C ILE A 228 -20.13 -18.39 -9.22
N ALA A 229 -20.62 -19.62 -9.09
CA ALA A 229 -22.00 -19.88 -8.69
C ALA A 229 -22.36 -19.41 -7.28
N GLU A 230 -21.33 -19.14 -6.48
CA GLU A 230 -21.52 -18.67 -5.10
C GLU A 230 -22.33 -17.39 -5.00
N ARG A 231 -22.18 -16.50 -5.98
CA ARG A 231 -22.89 -15.22 -6.00
C ARG A 231 -23.68 -15.06 -7.30
N PRO A 232 -25.01 -14.97 -7.23
CA PRO A 232 -25.85 -14.82 -8.43
C PRO A 232 -25.83 -13.38 -8.92
N GLY A 233 -25.87 -13.21 -10.24
CA GLY A 233 -25.88 -11.87 -10.81
C GLY A 233 -24.51 -11.31 -11.13
N LEU A 234 -24.41 -9.98 -11.09
CA LEU A 234 -23.16 -9.29 -11.37
C LEU A 234 -22.40 -9.02 -10.07
N THR A 235 -21.08 -8.89 -10.18
CA THR A 235 -20.27 -8.65 -9.00
C THR A 235 -19.39 -7.41 -9.10
N VAL A 236 -18.55 -7.37 -10.14
CA VAL A 236 -17.61 -6.26 -10.36
C VAL A 236 -16.39 -6.37 -9.44
N GLY A 237 -15.24 -6.67 -10.03
CA GLY A 237 -14.02 -6.81 -9.26
C GLY A 237 -14.05 -8.09 -8.44
N LEU A 238 -12.88 -8.59 -8.06
CA LEU A 238 -12.84 -9.82 -7.26
C LEU A 238 -12.51 -9.57 -5.80
N GLU A 239 -12.79 -8.36 -5.32
CA GLU A 239 -12.55 -7.99 -3.93
C GLU A 239 -13.41 -8.84 -2.97
N PRO A 240 -14.69 -9.10 -3.31
CA PRO A 240 -15.56 -9.90 -2.45
C PRO A 240 -15.07 -11.34 -2.30
N LEU A 241 -14.39 -11.84 -3.33
CA LEU A 241 -13.87 -13.21 -3.33
C LEU A 241 -12.69 -13.48 -2.42
N LEU A 242 -12.15 -12.44 -1.80
CA LEU A 242 -10.99 -12.61 -0.94
C LEU A 242 -10.81 -11.57 0.16
N ASP A 243 -11.81 -10.72 0.36
CA ASP A 243 -11.73 -9.68 1.40
C ASP A 243 -11.56 -10.32 2.77
N LEU A 244 -11.79 -11.63 2.82
CA LEU A 244 -11.68 -12.43 4.03
C LEU A 244 -10.56 -13.50 3.94
N HIS A 245 -10.01 -13.67 2.74
CA HIS A 245 -8.93 -14.65 2.50
C HIS A 245 -7.67 -14.32 3.29
N MET B 1 0.69 25.53 25.84
CA MET B 1 1.43 24.30 26.23
C MET B 1 2.94 24.55 26.12
N ARG B 2 3.65 24.36 27.24
CA ARG B 2 5.10 24.55 27.27
C ARG B 2 5.78 23.30 26.74
N VAL B 3 6.55 23.46 25.67
CA VAL B 3 7.25 22.34 25.05
C VAL B 3 8.76 22.56 24.93
N GLY B 4 9.51 21.55 25.35
CA GLY B 4 10.96 21.60 25.28
C GLY B 4 11.48 20.54 24.31
N VAL B 5 12.60 20.84 23.67
CA VAL B 5 13.19 19.92 22.69
C VAL B 5 14.55 19.36 23.14
N LEU B 6 14.63 18.04 23.25
CA LEU B 6 15.87 17.36 23.64
C LEU B 6 16.68 17.02 22.38
N GLY B 7 17.81 17.70 22.23
CA GLY B 7 18.66 17.48 21.07
C GLY B 7 18.39 18.54 20.01
N ALA B 8 18.06 19.74 20.47
CA ALA B 8 17.72 20.88 19.63
C ALA B 8 18.74 21.26 18.57
N LYS B 9 19.93 20.67 18.66
CA LYS B 9 21.00 20.94 17.71
C LYS B 9 21.11 19.90 16.58
N GLY B 10 20.44 18.76 16.77
CA GLY B 10 20.47 17.70 15.76
C GLY B 10 19.77 18.03 14.46
N LYS B 11 19.99 17.19 13.45
CA LYS B 11 19.39 17.37 12.14
C LYS B 11 17.87 17.48 12.28
N VAL B 12 17.29 16.56 13.03
CA VAL B 12 15.85 16.53 13.26
C VAL B 12 15.42 17.51 14.35
N GLY B 13 16.22 17.59 15.41
CA GLY B 13 15.93 18.48 16.52
C GLY B 13 15.73 19.93 16.14
N THR B 14 16.64 20.47 15.33
CA THR B 14 16.57 21.86 14.89
C THR B 14 15.28 22.12 14.14
N THR B 15 14.77 21.09 13.46
CA THR B 15 13.52 21.21 12.71
C THR B 15 12.34 21.29 13.67
N MET B 16 12.33 20.43 14.70
CA MET B 16 11.27 20.41 15.70
C MET B 16 11.22 21.74 16.45
N VAL B 17 12.39 22.29 16.77
CA VAL B 17 12.48 23.57 17.47
C VAL B 17 11.79 24.64 16.62
N ARG B 18 12.14 24.68 15.34
CA ARG B 18 11.55 25.64 14.40
C ARG B 18 10.04 25.45 14.32
N ALA B 19 9.60 24.20 14.31
CA ALA B 19 8.18 23.86 14.22
C ALA B 19 7.41 24.33 15.45
N VAL B 20 7.93 24.04 16.64
CA VAL B 20 7.30 24.42 17.90
C VAL B 20 7.25 25.94 18.04
N ALA B 21 8.31 26.59 17.59
CA ALA B 21 8.42 28.05 17.64
C ALA B 21 7.35 28.70 16.74
N ALA B 22 6.97 27.99 15.69
CA ALA B 22 5.95 28.48 14.75
C ALA B 22 4.53 28.16 15.20
N ALA B 23 4.39 27.11 16.02
CA ALA B 23 3.08 26.71 16.54
C ALA B 23 2.52 27.77 17.48
N ASP B 24 1.45 28.41 17.05
CA ASP B 24 0.78 29.47 17.81
C ASP B 24 0.17 29.00 19.13
N ASP B 25 -0.09 27.69 19.22
CA ASP B 25 -0.68 27.09 20.42
C ASP B 25 0.37 26.40 21.30
N LEU B 26 1.63 26.51 20.90
CA LEU B 26 2.72 25.91 21.66
C LEU B 26 3.81 26.92 22.02
N THR B 27 4.41 26.73 23.18
CA THR B 27 5.46 27.61 23.67
C THR B 27 6.75 26.83 23.86
N LEU B 28 7.80 27.26 23.18
CA LEU B 28 9.10 26.61 23.29
C LEU B 28 9.68 27.01 24.65
N SER B 29 9.58 26.11 25.63
CA SER B 29 10.08 26.39 26.97
C SER B 29 11.54 25.98 27.17
N ALA B 30 12.02 25.01 26.40
CA ALA B 30 13.40 24.54 26.54
C ALA B 30 14.04 24.10 25.22
N GLU B 31 15.36 24.31 25.13
CA GLU B 31 16.15 23.95 23.97
C GLU B 31 17.43 23.23 24.38
N LEU B 32 17.29 22.09 25.08
CA LEU B 32 18.44 21.33 25.53
C LEU B 32 19.27 20.74 24.39
N ASP B 33 20.55 20.57 24.68
CA ASP B 33 21.49 20.00 23.74
C ASP B 33 22.43 19.12 24.55
N ALA B 34 23.44 18.56 23.88
CA ALA B 34 24.41 17.70 24.53
C ALA B 34 25.15 18.47 25.61
N GLY B 35 25.10 17.95 26.84
CA GLY B 35 25.77 18.59 27.96
C GLY B 35 24.85 19.41 28.84
N ASP B 36 23.97 20.20 28.23
CA ASP B 36 23.04 21.08 28.94
C ASP B 36 22.27 20.31 30.01
N PRO B 37 22.17 20.88 31.22
CA PRO B 37 21.46 20.24 32.35
C PRO B 37 19.96 19.96 32.12
N LEU B 38 19.54 18.74 32.46
CA LEU B 38 18.14 18.35 32.32
C LEU B 38 17.27 19.22 33.21
N SER B 39 17.91 19.98 34.10
CA SER B 39 17.21 20.89 35.00
C SER B 39 16.65 22.11 34.27
N LEU B 40 17.20 22.39 33.09
CA LEU B 40 16.72 23.52 32.28
C LEU B 40 15.24 23.29 31.95
N LEU B 41 14.85 22.03 31.83
CA LEU B 41 13.46 21.64 31.54
C LEU B 41 12.55 22.04 32.69
N THR B 42 12.90 21.63 33.90
CA THR B 42 12.14 21.97 35.11
C THR B 42 12.14 23.47 35.37
N ASP B 43 13.09 24.15 34.74
CA ASP B 43 13.25 25.60 34.86
C ASP B 43 12.14 26.31 34.09
N GLY B 44 11.94 25.91 32.84
CA GLY B 44 10.90 26.50 32.01
C GLY B 44 9.50 25.92 32.23
N ASN B 45 9.34 25.08 33.24
CA ASN B 45 8.04 24.45 33.54
C ASN B 45 7.51 23.72 32.33
N THR B 46 8.37 22.91 31.72
CA THR B 46 8.00 22.13 30.53
C THR B 46 7.02 21.04 30.94
N GLU B 47 6.05 20.79 30.09
CA GLU B 47 5.05 19.76 30.34
C GLU B 47 5.19 18.60 29.36
N VAL B 48 5.74 18.90 28.19
CA VAL B 48 5.96 17.91 27.15
C VAL B 48 7.30 18.17 26.47
N VAL B 49 8.04 17.12 26.17
CA VAL B 49 9.34 17.23 25.53
C VAL B 49 9.46 16.29 24.33
N ILE B 50 10.07 16.80 23.27
CA ILE B 50 10.30 16.04 22.05
C ILE B 50 11.74 15.54 22.09
N ASP B 51 11.91 14.23 22.09
CA ASP B 51 13.25 13.65 22.14
C ASP B 51 13.73 13.05 20.82
N PHE B 52 14.80 13.67 20.29
CA PHE B 52 15.43 13.25 19.05
C PHE B 52 16.93 13.31 19.30
N THR B 53 17.39 12.51 20.25
CA THR B 53 18.80 12.46 20.64
C THR B 53 19.57 11.26 20.11
N HIS B 54 19.99 10.38 21.01
CA HIS B 54 20.78 9.19 20.67
C HIS B 54 20.38 8.04 21.60
N PRO B 55 20.30 6.80 21.08
CA PRO B 55 19.93 5.63 21.88
C PRO B 55 20.77 5.41 23.14
N ASP B 56 21.97 5.98 23.19
CA ASP B 56 22.83 5.83 24.36
C ASP B 56 22.42 6.73 25.52
N VAL B 57 21.53 7.68 25.26
CA VAL B 57 21.09 8.61 26.30
C VAL B 57 19.59 8.62 26.58
N VAL B 58 18.79 8.11 25.64
CA VAL B 58 17.34 8.09 25.77
C VAL B 58 16.88 7.58 27.13
N MET B 59 17.31 6.36 27.47
CA MET B 59 16.97 5.74 28.74
C MET B 59 17.28 6.68 29.90
N GLY B 60 18.39 7.41 29.79
CA GLY B 60 18.77 8.33 30.82
C GLY B 60 17.76 9.44 31.00
N ASN B 61 17.47 10.17 29.92
CA ASN B 61 16.51 11.28 29.93
C ASN B 61 15.11 10.80 30.30
N LEU B 62 14.70 9.67 29.74
CA LEU B 62 13.39 9.10 30.01
C LEU B 62 13.11 8.92 31.49
N GLU B 63 14.15 8.63 32.28
CA GLU B 63 14.01 8.45 33.72
C GLU B 63 13.68 9.78 34.37
N PHE B 64 14.47 10.80 34.03
CA PHE B 64 14.30 12.16 34.54
C PHE B 64 12.90 12.69 34.23
N LEU B 65 12.52 12.64 32.96
CA LEU B 65 11.21 13.12 32.49
C LEU B 65 10.05 12.45 33.25
N ILE B 66 10.05 11.12 33.26
CA ILE B 66 9.02 10.34 33.95
C ILE B 66 8.95 10.64 35.45
N ASP B 67 10.06 11.12 36.01
CA ASP B 67 10.11 11.47 37.42
C ASP B 67 9.39 12.76 37.73
N ASN B 68 9.77 13.82 37.01
CA ASN B 68 9.18 15.15 37.18
C ASN B 68 7.79 15.27 36.56
N GLY B 69 7.22 14.13 36.16
CA GLY B 69 5.89 14.09 35.57
C GLY B 69 5.77 14.76 34.20
N ILE B 70 6.90 14.96 33.52
CA ILE B 70 6.91 15.58 32.20
C ILE B 70 6.60 14.54 31.12
N HIS B 71 5.68 14.88 30.23
CA HIS B 71 5.28 14.00 29.13
C HIS B 71 6.39 13.93 28.09
N ALA B 72 6.49 12.80 27.39
CA ALA B 72 7.53 12.64 26.39
C ALA B 72 7.11 12.00 25.07
N VAL B 73 7.52 12.65 23.98
CA VAL B 73 7.27 12.18 22.62
C VAL B 73 8.68 11.89 22.10
N VAL B 74 9.05 10.61 22.10
CA VAL B 74 10.38 10.17 21.69
C VAL B 74 10.47 9.62 20.26
N GLY B 75 11.42 10.15 19.51
CA GLY B 75 11.64 9.70 18.15
C GLY B 75 12.95 8.94 18.03
N THR B 76 13.79 9.06 19.05
CA THR B 76 15.09 8.39 19.09
C THR B 76 14.90 6.88 18.94
N THR B 77 15.53 6.31 17.93
CA THR B 77 15.45 4.87 17.67
C THR B 77 16.29 4.03 18.60
N GLY B 78 16.33 2.72 18.33
CA GLY B 78 17.10 1.81 19.13
C GLY B 78 16.37 1.36 20.39
N PHE B 79 15.05 1.26 20.30
CA PHE B 79 14.23 0.84 21.43
C PHE B 79 13.98 -0.66 21.44
N THR B 80 14.61 -1.34 22.38
CA THR B 80 14.47 -2.79 22.53
C THR B 80 13.42 -3.17 23.56
N ALA B 81 12.98 -4.42 23.53
CA ALA B 81 11.97 -4.93 24.46
C ALA B 81 12.31 -4.61 25.91
N GLU B 82 13.55 -4.92 26.32
CA GLU B 82 14.03 -4.65 27.66
C GLU B 82 13.86 -3.16 27.99
N ARG B 83 14.29 -2.31 27.07
CA ARG B 83 14.17 -0.86 27.22
C ARG B 83 12.71 -0.47 27.39
N PHE B 84 11.84 -0.98 26.52
CA PHE B 84 10.41 -0.70 26.59
C PHE B 84 9.89 -1.14 27.96
N GLN B 85 10.21 -2.38 28.33
CA GLN B 85 9.81 -2.95 29.61
C GLN B 85 10.23 -2.05 30.77
N GLN B 86 11.48 -1.58 30.72
CA GLN B 86 12.04 -0.70 31.74
C GLN B 86 11.21 0.56 31.91
N VAL B 87 10.95 1.25 30.80
CA VAL B 87 10.15 2.48 30.79
C VAL B 87 8.74 2.21 31.29
N GLU B 88 8.22 1.02 30.99
CA GLU B 88 6.89 0.60 31.42
C GLU B 88 6.73 0.79 32.92
N SER B 89 7.61 0.15 33.68
CA SER B 89 7.63 0.20 35.14
C SER B 89 7.89 1.62 35.64
N TRP B 90 8.87 2.29 35.01
CA TRP B 90 9.25 3.65 35.35
C TRP B 90 8.04 4.57 35.53
N LEU B 91 7.04 4.37 34.67
CA LEU B 91 5.79 5.14 34.68
C LEU B 91 4.76 4.59 35.67
N VAL B 92 4.79 3.28 35.92
CA VAL B 92 3.86 2.63 36.84
C VAL B 92 3.95 3.25 38.24
N ALA B 93 5.12 3.79 38.55
CA ALA B 93 5.38 4.44 39.84
C ALA B 93 4.97 5.91 39.77
N LYS B 94 4.73 6.41 38.55
CA LYS B 94 4.36 7.80 38.34
C LYS B 94 3.28 7.89 37.24
N PRO B 95 2.10 7.28 37.46
CA PRO B 95 1.08 7.38 36.41
C PRO B 95 0.70 8.86 36.22
N ASN B 96 -0.37 9.11 35.45
CA ASN B 96 -0.80 10.49 35.18
C ASN B 96 0.17 11.16 34.19
N THR B 97 1.28 10.48 33.91
CA THR B 97 2.32 10.94 32.99
C THR B 97 2.23 10.07 31.74
N SER B 98 2.32 10.70 30.58
CA SER B 98 2.25 10.00 29.30
C SER B 98 3.57 10.04 28.53
N VAL B 99 3.85 8.94 27.85
CA VAL B 99 5.07 8.80 27.05
C VAL B 99 4.77 8.06 25.74
N LEU B 100 5.09 8.70 24.62
CA LEU B 100 4.87 8.08 23.33
C LEU B 100 6.18 7.89 22.57
N ILE B 101 6.39 6.66 22.11
CA ILE B 101 7.59 6.30 21.35
C ILE B 101 7.16 5.77 19.99
N ALA B 102 7.78 6.28 18.93
CA ALA B 102 7.44 5.85 17.57
C ALA B 102 8.68 5.73 16.70
N PRO B 103 8.80 4.60 15.97
CA PRO B 103 9.95 4.38 15.09
C PRO B 103 9.96 5.31 13.88
N ASN B 104 8.80 5.90 13.56
CA ASN B 104 8.69 6.82 12.44
C ASN B 104 7.44 7.69 12.60
N PHE B 105 7.62 9.01 12.46
CA PHE B 105 6.53 9.96 12.58
C PHE B 105 5.95 10.40 11.25
N ALA B 106 6.54 9.91 10.16
CA ALA B 106 6.05 10.23 8.82
C ALA B 106 4.79 9.38 8.66
N ILE B 107 3.71 10.02 8.23
CA ILE B 107 2.42 9.34 8.05
C ILE B 107 2.54 8.24 6.99
N GLY B 108 3.23 8.54 5.89
CA GLY B 108 3.40 7.57 4.82
C GLY B 108 4.08 6.31 5.31
N ALA B 109 5.02 6.47 6.23
CA ALA B 109 5.74 5.33 6.80
C ALA B 109 4.79 4.49 7.63
N VAL B 110 4.00 5.13 8.48
CA VAL B 110 3.04 4.43 9.33
C VAL B 110 2.04 3.67 8.45
N LEU B 111 1.61 4.30 7.37
CA LEU B 111 0.68 3.68 6.42
C LEU B 111 1.34 2.49 5.73
N SER B 112 2.64 2.61 5.45
CA SER B 112 3.40 1.53 4.81
C SER B 112 3.38 0.28 5.66
N MET B 113 3.60 0.45 6.96
CA MET B 113 3.60 -0.66 7.90
C MET B 113 2.20 -1.25 7.97
N HIS B 114 1.19 -0.39 7.83
CA HIS B 114 -0.21 -0.79 7.87
C HIS B 114 -0.54 -1.69 6.68
N PHE B 115 -0.15 -1.26 5.48
CA PHE B 115 -0.40 -2.01 4.26
C PHE B 115 0.43 -3.30 4.19
N ALA B 116 1.68 -3.22 4.64
CA ALA B 116 2.57 -4.38 4.64
C ALA B 116 1.93 -5.54 5.39
N LYS B 117 1.37 -5.23 6.56
CA LYS B 117 0.70 -6.21 7.41
C LYS B 117 -0.44 -6.90 6.67
N GLN B 118 -1.23 -6.12 5.93
CA GLN B 118 -2.38 -6.62 5.18
C GLN B 118 -2.07 -7.45 3.94
N ALA B 119 -0.96 -7.13 3.26
CA ALA B 119 -0.57 -7.83 2.04
C ALA B 119 0.31 -9.07 2.21
N ALA B 120 0.99 -9.17 3.35
CA ALA B 120 1.90 -10.28 3.62
C ALA B 120 1.38 -11.68 3.29
N ARG B 121 0.18 -12.01 3.76
CA ARG B 121 -0.41 -13.33 3.52
C ARG B 121 -0.65 -13.71 2.07
N PHE B 122 -0.85 -12.71 1.22
CA PHE B 122 -1.13 -12.96 -0.21
C PHE B 122 0.08 -13.24 -1.10
N PHE B 123 1.29 -13.23 -0.54
CA PHE B 123 2.49 -13.45 -1.34
C PHE B 123 3.45 -14.51 -0.81
N ASP B 124 4.24 -15.06 -1.73
CA ASP B 124 5.22 -16.09 -1.42
C ASP B 124 6.49 -15.48 -0.84
N SER B 125 6.96 -14.41 -1.47
CA SER B 125 8.18 -13.73 -1.06
C SER B 125 7.92 -12.34 -0.53
N ALA B 126 8.79 -11.91 0.39
CA ALA B 126 8.73 -10.60 1.00
C ALA B 126 10.14 -10.19 1.43
N GLU B 127 10.55 -9.00 1.03
CA GLU B 127 11.85 -8.46 1.38
C GLU B 127 11.72 -6.97 1.61
N VAL B 128 12.63 -6.41 2.40
CA VAL B 128 12.62 -4.99 2.71
C VAL B 128 13.93 -4.33 2.33
N ILE B 129 13.83 -3.23 1.59
CA ILE B 129 14.99 -2.44 1.20
C ILE B 129 14.83 -1.09 1.86
N GLU B 130 15.82 -0.69 2.62
CA GLU B 130 15.81 0.57 3.32
C GLU B 130 17.02 1.40 2.86
N LEU B 131 16.79 2.69 2.62
CA LEU B 131 17.84 3.59 2.15
C LEU B 131 17.88 4.89 2.95
N HIS B 132 19.04 5.23 3.49
CA HIS B 132 19.21 6.44 4.30
C HIS B 132 20.51 7.20 4.02
N HIS B 133 20.59 8.41 4.58
CA HIS B 133 21.75 9.28 4.47
C HIS B 133 22.96 8.55 5.07
N PRO B 134 24.17 8.90 4.63
CA PRO B 134 25.36 8.23 5.16
C PRO B 134 25.80 8.64 6.58
N HIS B 135 24.90 9.27 7.32
CA HIS B 135 25.18 9.69 8.70
C HIS B 135 24.45 8.83 9.73
N LYS B 136 23.65 7.88 9.25
CA LYS B 136 22.89 6.99 10.13
C LYS B 136 23.84 6.00 10.81
N ALA B 137 23.72 5.87 12.13
CA ALA B 137 24.58 4.99 12.91
C ALA B 137 24.14 3.52 12.95
N ASP B 138 22.83 3.31 12.86
CA ASP B 138 22.25 1.97 12.91
C ASP B 138 21.76 1.42 11.57
N ALA B 139 22.01 0.13 11.35
CA ALA B 139 21.60 -0.55 10.12
C ALA B 139 21.15 -1.96 10.52
N PRO B 140 19.92 -2.34 10.13
CA PRO B 140 18.98 -1.52 9.38
C PRO B 140 18.21 -0.51 10.26
N SER B 141 17.43 0.35 9.60
CA SER B 141 16.64 1.37 10.28
C SER B 141 15.66 0.71 11.25
N GLY B 142 15.21 1.49 12.24
CA GLY B 142 14.26 0.98 13.21
C GLY B 142 12.95 0.61 12.54
N THR B 143 12.53 1.44 11.59
CA THR B 143 11.29 1.22 10.84
C THR B 143 11.38 -0.07 10.02
N ALA B 144 12.52 -0.28 9.36
CA ALA B 144 12.73 -1.47 8.53
C ALA B 144 12.60 -2.72 9.37
N ALA B 145 13.27 -2.72 10.52
CA ALA B 145 13.24 -3.86 11.45
C ALA B 145 11.83 -4.10 11.95
N ARG B 146 11.09 -3.02 12.19
CA ARG B 146 9.72 -3.14 12.66
C ARG B 146 8.79 -3.65 11.57
N THR B 147 9.01 -3.18 10.34
CA THR B 147 8.21 -3.61 9.19
C THR B 147 8.44 -5.10 8.93
N ALA B 148 9.69 -5.53 8.99
CA ALA B 148 10.05 -6.92 8.77
C ALA B 148 9.37 -7.80 9.83
N LYS B 149 9.36 -7.33 11.07
CA LYS B 149 8.73 -8.04 12.18
C LYS B 149 7.23 -8.19 11.97
N LEU B 150 6.60 -7.12 11.50
CA LEU B 150 5.16 -7.13 11.24
C LEU B 150 4.83 -8.14 10.15
N ILE B 151 5.62 -8.13 9.07
CA ILE B 151 5.41 -9.05 7.96
C ILE B 151 5.54 -10.49 8.42
N ALA B 152 6.64 -10.80 9.12
CA ALA B 152 6.90 -12.14 9.61
C ALA B 152 5.82 -12.64 10.57
N GLU B 153 5.20 -11.71 11.28
CA GLU B 153 4.15 -12.03 12.23
C GLU B 153 2.81 -12.31 11.52
N ALA B 154 2.61 -11.70 10.35
CA ALA B 154 1.38 -11.90 9.59
C ALA B 154 1.39 -13.20 8.78
N ARG B 155 2.58 -13.73 8.51
CA ARG B 155 2.73 -14.97 7.75
C ARG B 155 3.02 -16.17 8.64
N LYS B 156 2.54 -16.09 9.88
CA LYS B 156 2.74 -17.14 10.89
C LYS B 156 2.65 -18.57 10.39
N GLY B 157 1.50 -18.94 9.84
CA GLY B 157 1.30 -20.29 9.36
C GLY B 157 1.94 -20.67 8.04
N LEU B 158 2.23 -19.68 7.21
CA LEU B 158 2.81 -19.91 5.88
C LEU B 158 4.29 -20.29 5.91
N PRO B 159 4.77 -20.99 4.86
CA PRO B 159 6.16 -21.42 4.77
C PRO B 159 7.06 -20.20 4.51
N PRO B 160 8.39 -20.37 4.67
CA PRO B 160 9.32 -19.26 4.45
C PRO B 160 9.53 -18.90 2.97
N ASN B 161 10.15 -17.74 2.72
CA ASN B 161 10.41 -17.27 1.36
C ASN B 161 11.25 -18.32 0.61
N PRO B 162 10.90 -18.56 -0.66
CA PRO B 162 11.66 -19.53 -1.46
C PRO B 162 12.99 -18.91 -1.90
N ASP B 163 14.07 -19.66 -1.70
CA ASP B 163 15.41 -19.19 -2.06
C ASP B 163 16.35 -20.37 -2.36
N ALA B 164 16.78 -20.46 -3.61
CA ALA B 164 17.67 -21.51 -4.08
C ALA B 164 19.16 -21.13 -4.00
N THR B 165 19.47 -20.08 -3.24
CA THR B 165 20.85 -19.59 -3.10
C THR B 165 21.76 -20.70 -2.57
N SER B 166 22.69 -21.14 -3.41
CA SER B 166 23.64 -22.18 -3.04
C SER B 166 24.98 -21.57 -2.65
N THR B 167 25.54 -20.77 -3.57
CA THR B 167 26.81 -20.08 -3.34
C THR B 167 26.51 -18.59 -3.22
N SER B 168 27.23 -17.91 -2.33
CA SER B 168 27.01 -16.49 -2.13
C SER B 168 28.12 -15.77 -1.37
N LEU B 169 28.29 -14.49 -1.69
CA LEU B 169 29.27 -13.66 -1.02
C LEU B 169 28.64 -13.26 0.31
N PRO B 170 29.44 -13.21 1.39
CA PRO B 170 28.98 -12.86 2.73
C PRO B 170 28.20 -11.55 2.78
N GLY B 171 26.96 -11.61 3.26
CA GLY B 171 26.15 -10.41 3.37
C GLY B 171 25.34 -9.98 2.16
N ALA B 172 25.48 -10.70 1.05
CA ALA B 172 24.76 -10.37 -0.18
C ALA B 172 23.24 -10.42 -0.02
N ARG B 173 22.77 -11.34 0.82
CA ARG B 173 21.33 -11.51 1.03
C ARG B 173 20.76 -10.70 2.20
N GLY B 174 21.47 -9.65 2.59
CA GLY B 174 21.02 -8.78 3.68
C GLY B 174 20.90 -9.43 5.05
N ALA B 175 20.39 -8.66 6.00
CA ALA B 175 20.19 -9.14 7.36
C ALA B 175 18.88 -9.91 7.49
N ASP B 176 18.85 -10.89 8.40
CA ASP B 176 17.66 -11.69 8.63
C ASP B 176 16.87 -11.17 9.83
N VAL B 177 15.68 -10.66 9.57
CA VAL B 177 14.84 -10.16 10.65
C VAL B 177 13.59 -11.03 10.68
N ASP B 178 13.64 -12.08 11.50
CA ASP B 178 12.53 -13.03 11.65
C ASP B 178 12.19 -13.73 10.33
N GLY B 179 13.23 -14.08 9.59
CA GLY B 179 13.04 -14.75 8.31
C GLY B 179 12.81 -13.83 7.13
N ILE B 180 12.75 -12.52 7.36
CA ILE B 180 12.54 -11.55 6.29
C ILE B 180 13.86 -10.81 6.04
N PRO B 181 14.42 -10.92 4.83
CA PRO B 181 15.69 -10.27 4.48
C PRO B 181 15.50 -8.77 4.46
N VAL B 182 16.44 -8.04 5.04
CA VAL B 182 16.39 -6.58 5.07
C VAL B 182 17.73 -6.03 4.56
N HIS B 183 17.64 -5.15 3.56
CA HIS B 183 18.84 -4.55 2.96
C HIS B 183 18.93 -3.07 3.31
N ALA B 184 20.11 -2.63 3.78
CA ALA B 184 20.33 -1.25 4.18
C ALA B 184 21.31 -0.51 3.27
N VAL B 185 20.81 0.53 2.61
CA VAL B 185 21.60 1.34 1.70
C VAL B 185 21.94 2.68 2.35
N ARG B 186 23.22 3.03 2.36
CA ARG B 186 23.69 4.30 2.92
C ARG B 186 24.26 5.12 1.77
N LEU B 187 23.47 6.07 1.27
CA LEU B 187 23.90 6.88 0.14
C LEU B 187 23.80 8.37 0.40
N ALA B 188 24.75 9.13 -0.15
CA ALA B 188 24.77 10.57 -0.01
C ALA B 188 23.63 11.12 -0.87
N GLY B 189 22.95 12.15 -0.36
CA GLY B 189 21.85 12.75 -1.09
C GLY B 189 20.49 12.23 -0.65
N LEU B 190 20.49 11.16 0.14
CA LEU B 190 19.25 10.57 0.62
C LEU B 190 18.92 11.06 2.02
N VAL B 191 17.69 10.79 2.46
CA VAL B 191 17.24 11.18 3.79
C VAL B 191 16.72 9.93 4.50
N ALA B 192 15.46 9.57 4.24
CA ALA B 192 14.83 8.40 4.86
C ALA B 192 13.87 7.78 3.85
N HIS B 193 14.20 6.57 3.40
CA HIS B 193 13.38 5.91 2.39
C HIS B 193 13.26 4.42 2.69
N GLN B 194 12.13 3.84 2.32
CA GLN B 194 11.90 2.42 2.52
C GLN B 194 11.05 1.83 1.41
N GLU B 195 11.33 0.58 1.09
CA GLU B 195 10.64 -0.14 0.04
C GLU B 195 10.32 -1.54 0.52
N VAL B 196 9.04 -1.91 0.44
CA VAL B 196 8.60 -3.24 0.84
C VAL B 196 8.22 -3.97 -0.44
N LEU B 197 8.86 -5.11 -0.69
CA LEU B 197 8.60 -5.88 -1.89
C LEU B 197 7.96 -7.24 -1.62
N PHE B 198 6.84 -7.48 -2.29
CA PHE B 198 6.11 -8.73 -2.17
C PHE B 198 6.10 -9.36 -3.56
N GLY B 199 6.38 -10.64 -3.62
CA GLY B 199 6.41 -11.30 -4.92
C GLY B 199 5.68 -12.63 -4.96
N THR B 200 5.14 -12.93 -6.15
CA THR B 200 4.41 -14.16 -6.39
C THR B 200 4.44 -14.46 -7.89
N GLU B 201 3.73 -15.50 -8.32
CA GLU B 201 3.70 -15.91 -9.72
C GLU B 201 3.41 -14.81 -10.73
N GLY B 202 4.45 -14.36 -11.41
CA GLY B 202 4.33 -13.33 -12.43
C GLY B 202 3.98 -11.92 -12.01
N GLU B 203 4.06 -11.62 -10.72
CA GLU B 203 3.75 -10.27 -10.25
C GLU B 203 4.39 -9.94 -8.92
N THR B 204 4.60 -8.63 -8.72
CA THR B 204 5.19 -8.10 -7.49
C THR B 204 4.38 -6.89 -7.07
N LEU B 205 4.49 -6.56 -5.78
CA LEU B 205 3.81 -5.40 -5.21
C LEU B 205 4.85 -4.63 -4.42
N THR B 206 4.99 -3.33 -4.73
CA THR B 206 5.96 -2.48 -4.04
C THR B 206 5.27 -1.33 -3.32
N ILE B 207 5.54 -1.22 -2.03
CA ILE B 207 4.99 -0.13 -1.22
C ILE B 207 6.20 0.68 -0.80
N ARG B 208 6.33 1.86 -1.39
CA ARG B 208 7.48 2.72 -1.10
C ARG B 208 7.16 4.04 -0.44
N HIS B 209 7.93 4.36 0.60
CA HIS B 209 7.78 5.61 1.32
C HIS B 209 9.05 6.42 1.15
N ASP B 210 8.88 7.71 0.88
CA ASP B 210 10.02 8.60 0.70
C ASP B 210 9.94 9.85 1.56
N SER B 211 10.91 10.01 2.44
CA SER B 211 11.00 11.20 3.28
C SER B 211 12.07 12.05 2.61
N LEU B 212 11.64 12.94 1.72
CA LEU B 212 12.56 13.81 1.00
C LEU B 212 13.05 14.95 1.89
N ASP B 213 12.27 15.29 2.91
CA ASP B 213 12.63 16.38 3.82
C ASP B 213 12.31 15.98 5.26
N ARG B 214 13.16 16.44 6.18
CA ARG B 214 12.95 16.14 7.60
C ARG B 214 11.73 16.81 8.18
N THR B 215 11.15 17.75 7.46
CA THR B 215 9.94 18.43 7.90
C THR B 215 8.77 17.44 7.87
N SER B 216 8.95 16.33 7.15
CA SER B 216 7.92 15.31 7.02
C SER B 216 7.58 14.63 8.36
N PHE B 217 8.45 14.78 9.35
CA PHE B 217 8.22 14.19 10.67
C PHE B 217 7.47 15.12 11.62
N VAL B 218 7.44 16.42 11.28
CA VAL B 218 6.77 17.44 12.08
C VAL B 218 5.30 17.16 12.40
N PRO B 219 4.44 16.98 11.36
CA PRO B 219 3.01 16.72 11.56
C PRO B 219 2.74 15.63 12.58
N GLY B 220 3.42 14.50 12.43
CA GLY B 220 3.25 13.38 13.35
C GLY B 220 3.67 13.72 14.77
N VAL B 221 4.80 14.41 14.90
CA VAL B 221 5.32 14.83 16.21
C VAL B 221 4.35 15.76 16.92
N LEU B 222 3.99 16.86 16.27
CA LEU B 222 3.07 17.84 16.85
C LEU B 222 1.72 17.24 17.21
N LEU B 223 1.25 16.30 16.38
CA LEU B 223 -0.02 15.60 16.62
C LEU B 223 0.07 14.84 17.94
N ALA B 224 1.19 14.14 18.14
CA ALA B 224 1.41 13.37 19.36
C ALA B 224 1.61 14.30 20.56
N VAL B 225 2.24 15.45 20.32
CA VAL B 225 2.50 16.45 21.37
C VAL B 225 1.19 17.02 21.93
N ARG B 226 0.28 17.43 21.04
CA ARG B 226 -0.99 18.00 21.45
C ARG B 226 -1.93 17.02 22.13
N ARG B 227 -2.04 15.81 21.59
CA ARG B 227 -2.91 14.79 22.17
C ARG B 227 -2.17 13.82 23.09
N ILE B 228 -1.00 14.24 23.57
CA ILE B 228 -0.18 13.39 24.44
C ILE B 228 -0.90 12.92 25.70
N ALA B 229 -1.50 13.86 26.42
CA ALA B 229 -2.21 13.57 27.67
C ALA B 229 -3.43 12.67 27.51
N GLU B 230 -3.91 12.54 26.28
CA GLU B 230 -5.07 11.70 25.97
C GLU B 230 -4.90 10.24 26.41
N ARG B 231 -3.69 9.71 26.28
CA ARG B 231 -3.39 8.33 26.69
C ARG B 231 -2.31 8.22 27.76
N PRO B 232 -2.72 7.96 29.01
CA PRO B 232 -1.75 7.84 30.11
C PRO B 232 -0.90 6.57 29.97
N GLY B 233 0.37 6.68 30.38
CA GLY B 233 1.28 5.57 30.30
C GLY B 233 2.18 5.60 29.06
N LEU B 234 2.56 4.42 28.59
CA LEU B 234 3.41 4.26 27.40
C LEU B 234 2.62 3.84 26.15
N THR B 235 2.97 4.48 25.03
CA THR B 235 2.32 4.17 23.76
C THR B 235 3.42 4.01 22.69
N VAL B 236 3.36 2.90 21.97
CA VAL B 236 4.33 2.61 20.93
C VAL B 236 3.71 2.73 19.54
N GLY B 237 4.14 3.74 18.80
CA GLY B 237 3.63 3.98 17.47
C GLY B 237 2.65 5.12 17.38
N LEU B 238 2.30 5.49 16.16
CA LEU B 238 1.37 6.58 15.91
C LEU B 238 -0.04 6.06 15.59
N GLU B 239 -0.13 4.78 15.22
CA GLU B 239 -1.39 4.11 14.86
C GLU B 239 -2.57 4.44 15.78
N PRO B 240 -2.36 4.38 17.10
CA PRO B 240 -3.44 4.68 18.07
C PRO B 240 -4.09 6.04 17.83
N LEU B 241 -3.29 7.03 17.47
CA LEU B 241 -3.79 8.39 17.21
C LEU B 241 -4.42 8.50 15.82
N LEU B 242 -4.23 7.48 15.00
CA LEU B 242 -4.77 7.46 13.65
C LEU B 242 -6.03 6.63 13.49
N ASP B 243 -6.79 6.97 12.45
CA ASP B 243 -8.05 6.29 12.14
C ASP B 243 -7.85 4.79 11.95
N LEU B 244 -6.77 4.42 11.26
CA LEU B 244 -6.43 3.03 11.00
C LEU B 244 -6.26 2.16 12.25
N HIS B 245 -6.37 0.86 12.05
CA HIS B 245 -6.23 -0.13 13.12
C HIS B 245 -4.79 -0.65 13.27
PA NDP C . -5.78 -9.27 -27.76
O1A NDP C . -4.91 -10.46 -27.72
O2A NDP C . -5.30 -8.08 -28.50
O5B NDP C . -7.24 -9.66 -28.22
C5B NDP C . -7.74 -10.96 -27.65
C4B NDP C . -8.46 -11.98 -28.52
O4B NDP C . -9.86 -11.58 -28.67
C3B NDP C . -7.86 -11.95 -29.98
O3B NDP C . -7.59 -13.31 -30.25
C2B NDP C . -9.06 -11.67 -30.87
O2B NDP C . -9.04 -11.97 -32.25
C1B NDP C . -10.24 -11.81 -30.01
N9A NDP C . -11.66 -11.87 -30.43
C8A NDP C . -12.10 -10.71 -30.96
N7A NDP C . -13.44 -10.65 -31.12
C5A NDP C . -13.78 -11.88 -30.76
C6A NDP C . -15.05 -12.39 -30.76
N6A NDP C . -16.12 -11.69 -31.12
N1A NDP C . -15.23 -13.69 -30.37
C2A NDP C . -14.15 -14.29 -29.84
N3A NDP C . -12.86 -13.88 -29.97
C4A NDP C . -12.75 -12.60 -30.37
O3 NDP C . -6.09 -8.81 -26.24
PN NDP C . -5.34 -9.17 -24.86
O1N NDP C . -4.22 -8.21 -24.68
O2N NDP C . -5.02 -10.62 -24.89
O5D NDP C . -6.47 -8.89 -23.79
C5D NDP C . -7.81 -8.44 -24.34
C4D NDP C . -8.77 -7.63 -23.49
O4D NDP C . -8.72 -8.07 -22.09
C3D NDP C . -8.53 -6.13 -23.44
O3D NDP C . -9.73 -5.42 -23.26
C2D NDP C . -7.60 -6.01 -22.24
O2D NDP C . -7.52 -4.69 -21.74
C1D NDP C . -8.30 -6.95 -21.25
N1N NDP C . -7.44 -7.48 -20.17
C2N NDP C . -7.93 -7.55 -18.92
C3N NDP C . -7.28 -8.03 -17.84
C7N NDP C . -7.81 -8.13 -16.56
O7N NDP C . -7.04 -8.68 -15.50
N7N NDP C . -9.07 -7.68 -16.43
C4N NDP C . -6.02 -8.48 -18.14
C5N NDP C . -5.43 -8.46 -19.39
C6N NDP C . -6.17 -7.93 -20.45
P2B NDP C . -8.59 -10.90 -33.30
O1X NDP C . -9.79 -10.06 -33.58
O2X NDP C . -7.50 -10.11 -32.65
O3X NDP C . -8.12 -11.65 -34.48
N1 PDC D . -5.29 -3.85 -19.30
C2 PDC D . -5.76 -3.53 -17.98
C3 PDC D . -5.19 -4.19 -16.86
C4 PDC D . -4.18 -5.15 -17.04
C5 PDC D . -3.72 -5.48 -18.34
C6 PDC D . -4.28 -4.83 -19.50
C7 PDC D . -6.75 -2.58 -17.86
O1 PDC D . -7.26 -1.97 -18.96
O2 PDC D . -7.22 -2.22 -16.63
C8 PDC D . -3.85 -5.11 -20.81
O3 PDC D . -4.41 -4.47 -21.89
O4 PDC D . -2.87 -6.04 -21.05
PA NDP E . 21.73 14.07 14.83
O1A NDP E . 21.97 14.99 13.70
O2A NDP E . 22.92 13.47 15.50
O5B NDP E . 20.79 14.75 15.89
C5B NDP E . 21.13 14.42 17.31
C4B NDP E . 21.32 15.51 18.32
O4B NDP E . 21.30 14.91 19.65
C3B NDP E . 22.78 16.12 18.17
O3B NDP E . 22.57 17.52 18.33
C2B NDP E . 23.50 15.74 19.44
O2B NDP E . 24.70 16.37 19.83
C1B NDP E . 22.45 15.33 20.37
N9A NDP E . 22.52 15.11 21.81
C8A NDP E . 23.27 14.03 22.13
N7A NDP E . 23.07 13.59 23.39
C5A NDP E . 22.28 14.54 23.86
C6A NDP E . 21.80 14.64 25.14
N6A NDP E . 22.06 13.74 26.07
N1A NDP E . 21.02 15.71 25.47
C2A NDP E . 20.60 16.45 24.42
N3A NDP E . 21.21 16.52 23.21
C4A NDP E . 21.98 15.45 22.94
O3 NDP E . 20.78 12.88 14.34
PN NDP E . 19.29 12.91 13.73
O1N NDP E . 19.41 12.87 12.26
O2N NDP E . 18.54 14.03 14.35
O5D NDP E . 18.76 11.53 14.27
C5D NDP E . 18.21 11.57 15.68
C4D NDP E . 17.72 10.30 16.32
O4D NDP E . 16.29 10.14 16.09
C3D NDP E . 18.33 9.00 15.78
O3D NDP E . 18.31 7.96 16.74
C2D NDP E . 17.41 8.70 14.60
O2D NDP E . 17.49 7.35 14.20
C1D NDP E . 16.04 9.03 15.18
N1N NDP E . 15.05 9.48 14.21
C2N NDP E . 13.77 9.09 14.38
C3N NDP E . 12.72 9.48 13.62
C7N NDP E . 11.40 9.09 13.84
O7N NDP E . 10.35 9.56 12.98
N7N NDP E . 11.21 8.28 14.87
C4N NDP E . 13.09 10.33 12.62
C5N NDP E . 14.38 10.79 12.37
C6N NDP E . 15.40 10.33 13.21
P2B NDP E . 26.08 15.81 19.34
O1X NDP E . 27.07 16.90 19.54
O2X NDP E . 26.35 14.62 20.18
O3X NDP E . 25.91 15.46 17.90
N1 PDC F . 15.76 6.63 11.04
C2 PDC F . 14.51 5.93 11.00
C3 PDC F . 13.40 6.51 10.32
C4 PDC F . 13.55 7.76 9.69
C5 PDC F . 14.78 8.46 9.73
C6 PDC F . 15.91 7.90 10.42
C7 PDC F . 14.43 4.71 11.63
O1 PDC F . 15.52 4.20 12.27
O2 PDC F . 13.26 3.98 11.61
C8 PDC F . 17.16 8.54 10.48
O3 PDC F . 18.21 7.98 11.15
O4 PDC F . 17.33 9.75 9.88
O1 PG4 G . 8.64 7.73 -6.69
C1 PG4 G . 9.67 8.65 -6.34
C2 PG4 G . 9.22 9.22 -4.99
O2 PG4 G . 10.22 10.19 -4.54
C3 PG4 G . 11.31 10.30 -5.47
C4 PG4 G . 12.50 10.75 -4.63
O3 PG4 G . 13.10 9.52 -4.19
C5 PG4 G . 14.51 9.61 -4.47
C6 PG4 G . 15.09 8.32 -3.88
O4 PG4 G . 15.97 7.82 -4.89
C7 PG4 G . 15.33 6.69 -5.52
C8 PG4 G . 16.29 5.51 -5.29
O5 PG4 G . 15.65 4.39 -5.91
#